data_6GGH
#
_entry.id   6GGH
#
_cell.length_a   42.987
_cell.length_b   170.327
_cell.length_c   45.026
_cell.angle_alpha   90.00
_cell.angle_beta   94.06
_cell.angle_gamma   90.00
#
_symmetry.space_group_name_H-M   'P 1 21 1'
#
loop_
_entity.id
_entity.type
_entity.pdbx_description
1 polymer 'Tyrosine-protein kinase JAK1'
2 non-polymer ~{N}-[5-methyl-4-[7-[[(2~{R})-2-(4-methylpiperazin-1-yl)propanoyl]amino]-1~{H}-indol-3-yl]pyrimidin-2-yl]cyclopropanecarboxamide
3 water water
#
_entity_poly.entity_id   1
_entity_poly.type   'polypeptide(L)'
_entity_poly.pdbx_seq_one_letter_code
;TEVDPTHFEKRFLKRIRDLGEGHFGKVELCRYDPEGDNTGEQVAVKSLKPESGGNHIADLKKEIEILRNLYHENIVKYKG
ICTEDGGNGIKLIMEFLPSGSLKEYLPKNKNKINLKQQLKYAVQICKGMDYLGSRQYVHRDLAARNVLVESEHQVKIGDF
GLTKAIETDKE(PTR)(PTR)TVKDDRDSPVFWYAPECLMQSKFYIASDVWSFGVTLHELLTYCDSDSSPMALFLKMIGP
THGQMTVTRLVNTLKEGKRLPCPPNCPDEVYQLMRKCWEFQPSNRTSFQNLIEGFEALLK
;
_entity_poly.pdbx_strand_id   A,B
#
loop_
_chem_comp.id
_chem_comp.type
_chem_comp.name
_chem_comp.formula
EYQ non-polymer ~{N}-[5-methyl-4-[7-[[(2~{R})-2-(4-methylpiperazin-1-yl)propanoyl]amino]-1~{H}-indol-3-yl]pyrimidin-2-yl]cyclopropanecarboxamide 'C25 H31 N7 O2'
#
# COMPACT_ATOMS: atom_id res chain seq x y z
N VAL A 3 -38.12 26.48 -20.45
CA VAL A 3 -36.79 25.86 -20.71
C VAL A 3 -35.91 25.99 -19.47
N ASP A 4 -35.25 24.90 -19.10
CA ASP A 4 -34.36 24.84 -17.93
C ASP A 4 -32.94 25.22 -18.35
N PRO A 5 -32.39 26.35 -17.83
CA PRO A 5 -31.03 26.76 -18.23
C PRO A 5 -29.88 25.84 -17.78
N THR A 6 -30.15 24.97 -16.82
CA THR A 6 -29.17 23.97 -16.33
C THR A 6 -29.30 22.61 -17.02
N HIS A 7 -30.23 22.50 -17.97
CA HIS A 7 -30.37 21.30 -18.81
C HIS A 7 -29.62 21.53 -20.09
N PHE A 8 -28.58 20.72 -20.32
CA PHE A 8 -27.74 20.74 -21.50
C PHE A 8 -28.05 19.51 -22.34
N GLU A 9 -28.52 19.73 -23.56
CA GLU A 9 -28.89 18.66 -24.48
C GLU A 9 -27.63 18.04 -25.09
N LYS A 10 -27.53 16.71 -25.05
CA LYS A 10 -26.37 15.96 -25.59
C LYS A 10 -26.05 16.33 -27.04
N ARG A 11 -27.10 16.51 -27.84
CA ARG A 11 -27.00 16.87 -29.26
C ARG A 11 -26.23 18.18 -29.53
N PHE A 12 -26.23 19.10 -28.57
CA PHE A 12 -25.49 20.36 -28.69
C PHE A 12 -24.16 20.41 -27.92
N LEU A 13 -23.87 19.39 -27.11
CA LEU A 13 -22.66 19.38 -26.28
C LEU A 13 -21.55 18.66 -27.03
N LYS A 14 -20.68 19.45 -27.67
CA LYS A 14 -19.67 18.94 -28.59
C LYS A 14 -18.30 18.90 -27.95
N ARG A 15 -17.74 17.69 -27.86
CA ARG A 15 -16.41 17.47 -27.28
C ARG A 15 -15.30 18.11 -28.11
N ILE A 16 -14.48 18.92 -27.44
CA ILE A 16 -13.26 19.50 -28.05
C ILE A 16 -12.05 18.64 -27.72
N ARG A 17 -11.73 18.46 -26.44
CA ARG A 17 -10.56 17.63 -26.04
C ARG A 17 -10.70 17.14 -24.61
N ASP A 18 -9.84 16.18 -24.23
CA ASP A 18 -9.75 15.76 -22.83
C ASP A 18 -8.94 16.77 -22.02
N LEU A 19 -9.39 17.02 -20.78
CA LEU A 19 -8.70 17.90 -19.84
C LEU A 19 -7.97 17.13 -18.75
N GLY A 20 -8.60 16.08 -18.27
CA GLY A 20 -7.99 15.21 -17.30
C GLY A 20 -8.68 13.87 -17.32
N GLU A 21 -7.94 12.86 -16.91
CA GLU A 21 -8.42 11.49 -16.94
C GLU A 21 -7.89 10.76 -15.73
N GLY A 22 -8.75 9.97 -15.12
CA GLY A 22 -8.37 9.00 -14.10
C GLY A 22 -8.92 7.66 -14.53
N HIS A 23 -8.87 6.71 -13.61
CA HIS A 23 -9.52 5.41 -13.84
C HIS A 23 -10.98 5.63 -13.57
N PHE A 24 -11.83 5.13 -14.47
CA PHE A 24 -13.30 5.13 -14.30
C PHE A 24 -14.03 6.48 -14.54
N GLY A 25 -13.28 7.56 -14.69
CA GLY A 25 -13.87 8.90 -14.88
C GLY A 25 -12.96 9.83 -15.67
N LYS A 26 -13.56 10.83 -16.30
CA LYS A 26 -12.80 11.82 -17.08
C LYS A 26 -13.48 13.18 -17.08
N VAL A 27 -12.68 14.21 -17.30
CA VAL A 27 -13.18 15.54 -17.56
C VAL A 27 -12.73 16.01 -18.94
N GLU A 28 -13.67 16.57 -19.69
CA GLU A 28 -13.46 17.01 -21.08
C GLU A 28 -13.81 18.49 -21.21
N LEU A 29 -13.13 19.17 -22.13
CA LEU A 29 -13.51 20.49 -22.65
C LEU A 29 -14.53 20.29 -23.77
N CYS A 30 -15.71 20.85 -23.57
CA CYS A 30 -16.80 20.82 -24.56
C CYS A 30 -17.21 22.25 -24.88
N ARG A 31 -17.76 22.46 -26.07
CA ARG A 31 -18.51 23.66 -26.38
C ARG A 31 -20.01 23.34 -26.42
N TYR A 32 -20.82 24.15 -25.72
CA TYR A 32 -22.28 24.01 -25.82
C TYR A 32 -22.77 24.94 -26.92
N ASP A 33 -23.17 24.35 -28.04
CA ASP A 33 -23.34 25.10 -29.27
C ASP A 33 -24.72 24.87 -29.91
N PRO A 34 -25.79 25.31 -29.23
CA PRO A 34 -27.15 25.13 -29.77
C PRO A 34 -27.40 25.81 -31.13
N GLU A 35 -26.68 26.89 -31.44
CA GLU A 35 -26.80 27.58 -32.73
C GLU A 35 -25.95 26.98 -33.87
N GLY A 36 -25.00 26.11 -33.53
CA GLY A 36 -24.28 25.33 -34.53
C GLY A 36 -23.25 26.08 -35.35
N ASP A 37 -22.73 27.18 -34.81
CA ASP A 37 -21.74 28.04 -35.49
C ASP A 37 -20.47 28.36 -34.66
N ASN A 38 -20.16 27.50 -33.70
N ASN A 38 -20.17 27.50 -33.70
CA ASN A 38 -18.96 27.61 -32.85
CA ASN A 38 -18.98 27.60 -32.82
C ASN A 38 -18.88 28.88 -31.96
C ASN A 38 -18.89 28.87 -31.96
N THR A 39 -20.03 29.52 -31.72
CA THR A 39 -20.12 30.74 -30.86
C THR A 39 -20.51 30.40 -29.41
N GLY A 40 -20.85 29.14 -29.18
CA GLY A 40 -21.28 28.65 -27.88
C GLY A 40 -20.21 28.72 -26.81
N GLU A 41 -20.67 28.68 -25.57
CA GLU A 41 -19.79 28.73 -24.39
C GLU A 41 -18.97 27.44 -24.22
N GLN A 42 -17.70 27.59 -23.89
CA GLN A 42 -16.86 26.46 -23.50
C GLN A 42 -17.27 26.04 -22.07
N VAL A 43 -17.30 24.73 -21.83
CA VAL A 43 -17.64 24.16 -20.53
C VAL A 43 -16.76 22.95 -20.22
N ALA A 44 -16.49 22.76 -18.95
CA ALA A 44 -15.82 21.55 -18.43
C ALA A 44 -16.89 20.52 -18.09
N VAL A 45 -16.75 19.32 -18.67
CA VAL A 45 -17.74 18.24 -18.52
C VAL A 45 -17.10 17.03 -17.87
N LYS A 46 -17.63 16.64 -16.71
CA LYS A 46 -17.20 15.43 -15.99
C LYS A 46 -18.22 14.32 -16.23
N SER A 47 -17.71 13.15 -16.63
CA SER A 47 -18.56 11.98 -16.90
C SER A 47 -17.82 10.71 -16.51
N LEU A 48 -18.56 9.60 -16.48
CA LEU A 48 -17.98 8.30 -16.12
C LEU A 48 -17.61 7.50 -17.36
N LYS A 49 -16.50 6.77 -17.23
CA LYS A 49 -16.00 5.90 -18.29
C LYS A 49 -16.78 4.58 -18.25
N PRO A 50 -17.08 3.97 -19.42
CA PRO A 50 -17.63 2.60 -19.52
C PRO A 50 -16.87 1.53 -18.72
N GLU A 51 -15.55 1.73 -18.61
CA GLU A 51 -14.64 0.94 -17.77
C GLU A 51 -15.07 0.92 -16.28
N SER A 52 -15.73 2.00 -15.84
CA SER A 52 -16.15 2.18 -14.46
C SER A 52 -17.23 1.19 -14.00
N GLY A 53 -17.16 0.83 -12.72
CA GLY A 53 -18.19 -0.01 -12.08
C GLY A 53 -19.49 0.73 -11.80
N GLY A 54 -20.39 0.05 -11.10
CA GLY A 54 -21.73 0.56 -10.80
C GLY A 54 -21.84 1.55 -9.64
N ASN A 55 -20.93 1.45 -8.67
CA ASN A 55 -20.87 2.39 -7.54
C ASN A 55 -20.40 3.81 -7.93
N HIS A 56 -19.70 3.91 -9.06
CA HIS A 56 -19.16 5.18 -9.56
C HIS A 56 -20.23 6.13 -10.06
N ILE A 57 -21.34 5.61 -10.58
CA ILE A 57 -22.49 6.44 -11.00
C ILE A 57 -23.18 7.13 -9.82
N ALA A 58 -23.40 6.39 -8.74
CA ALA A 58 -23.95 6.95 -7.51
C ALA A 58 -23.09 8.09 -6.98
N ASP A 59 -21.77 7.88 -6.98
CA ASP A 59 -20.79 8.90 -6.54
C ASP A 59 -20.88 10.19 -7.34
N LEU A 60 -20.94 10.07 -8.68
CA LEU A 60 -21.06 11.22 -9.57
C LEU A 60 -22.37 11.99 -9.33
N LYS A 61 -23.47 11.27 -9.16
CA LYS A 61 -24.73 11.92 -8.82
C LYS A 61 -24.67 12.69 -7.50
N LYS A 62 -24.00 12.14 -6.49
CA LYS A 62 -23.84 12.84 -5.19
C LYS A 62 -22.94 14.08 -5.33
N GLU A 63 -21.87 13.97 -6.11
CA GLU A 63 -20.99 15.12 -6.42
C GLU A 63 -21.77 16.27 -7.06
N ILE A 64 -22.59 15.91 -8.05
CA ILE A 64 -23.48 16.86 -8.73
C ILE A 64 -24.38 17.61 -7.76
N GLU A 65 -25.08 16.86 -6.90
CA GLU A 65 -25.98 17.47 -5.91
C GLU A 65 -25.25 18.35 -4.89
N ILE A 66 -24.03 17.95 -4.54
CA ILE A 66 -23.18 18.78 -3.68
C ILE A 66 -22.85 20.09 -4.38
N LEU A 67 -22.32 20.00 -5.60
CA LEU A 67 -21.87 21.21 -6.31
C LEU A 67 -23.04 22.10 -6.74
N ARG A 68 -24.16 21.48 -7.14
CA ARG A 68 -25.38 22.24 -7.48
C ARG A 68 -25.78 23.28 -6.42
N ASN A 69 -25.54 22.98 -5.15
CA ASN A 69 -25.97 23.83 -4.04
C ASN A 69 -24.89 24.69 -3.36
N LEU A 70 -23.66 24.66 -3.90
CA LEU A 70 -22.56 25.48 -3.39
C LEU A 70 -22.46 26.72 -4.26
N TYR A 71 -22.46 27.90 -3.62
CA TYR A 71 -22.34 29.20 -4.29
C TYR A 71 -21.32 30.07 -3.55
N HIS A 72 -20.11 30.20 -4.11
CA HIS A 72 -19.03 30.98 -3.50
C HIS A 72 -18.03 31.44 -4.52
N GLU A 73 -17.50 32.65 -4.31
CA GLU A 73 -16.53 33.28 -5.23
C GLU A 73 -15.32 32.38 -5.54
N ASN A 74 -14.88 31.65 -4.52
CA ASN A 74 -13.75 30.69 -4.60
C ASN A 74 -14.13 29.21 -4.71
N ILE A 75 -15.32 28.93 -5.22
CA ILE A 75 -15.76 27.56 -5.59
C ILE A 75 -16.18 27.57 -7.06
N VAL A 76 -15.71 26.60 -7.83
CA VAL A 76 -15.98 26.56 -9.28
C VAL A 76 -17.50 26.51 -9.52
N LYS A 77 -17.94 27.21 -10.56
CA LYS A 77 -19.36 27.36 -10.82
C LYS A 77 -19.96 26.13 -11.51
N TYR A 78 -20.97 25.58 -10.85
CA TYR A 78 -21.91 24.62 -11.44
C TYR A 78 -22.72 25.30 -12.54
N LYS A 79 -22.82 24.65 -13.71
CA LYS A 79 -23.65 25.10 -14.82
C LYS A 79 -24.90 24.25 -15.01
N GLY A 80 -24.73 22.94 -14.95
CA GLY A 80 -25.88 22.07 -15.04
C GLY A 80 -25.51 20.63 -15.24
N ILE A 81 -26.42 19.90 -15.88
CA ILE A 81 -26.25 18.49 -16.19
C ILE A 81 -26.66 18.16 -17.63
N CYS A 82 -26.07 17.07 -18.13
CA CYS A 82 -26.51 16.41 -19.36
C CYS A 82 -26.86 14.98 -18.97
N THR A 83 -28.14 14.62 -19.09
CA THR A 83 -28.64 13.34 -18.54
C THR A 83 -28.76 12.24 -19.59
N ASN A 88 -29.88 6.46 -17.27
CA ASN A 88 -28.95 6.03 -16.22
C ASN A 88 -27.71 6.92 -16.16
N GLY A 89 -27.02 7.04 -17.29
CA GLY A 89 -25.82 7.87 -17.43
C GLY A 89 -26.11 9.35 -17.25
N ILE A 90 -25.10 10.09 -16.77
CA ILE A 90 -25.23 11.54 -16.50
C ILE A 90 -23.87 12.23 -16.64
N LYS A 91 -23.90 13.54 -16.95
CA LYS A 91 -22.69 14.36 -17.01
C LYS A 91 -22.85 15.63 -16.19
N LEU A 92 -21.76 16.07 -15.56
CA LEU A 92 -21.74 17.29 -14.76
C LEU A 92 -21.11 18.41 -15.59
N ILE A 93 -21.84 19.53 -15.76
CA ILE A 93 -21.38 20.65 -16.55
C ILE A 93 -20.94 21.74 -15.59
N MET A 94 -19.71 22.22 -15.78
CA MET A 94 -19.13 23.31 -14.97
C MET A 94 -18.54 24.37 -15.88
N GLU A 95 -18.34 25.56 -15.32
CA GLU A 95 -17.58 26.60 -16.04
C GLU A 95 -16.19 26.09 -16.39
N PHE A 96 -15.63 26.60 -17.48
CA PHE A 96 -14.28 26.26 -17.90
C PHE A 96 -13.36 27.45 -17.60
N LEU A 97 -12.24 27.18 -16.93
CA LEU A 97 -11.22 28.16 -16.55
C LEU A 97 -9.96 27.80 -17.37
N PRO A 98 -9.66 28.57 -18.44
CA PRO A 98 -8.57 28.19 -19.35
C PRO A 98 -7.18 28.04 -18.74
N SER A 99 -6.88 28.85 -17.72
CA SER A 99 -5.57 28.80 -17.02
C SER A 99 -5.30 27.49 -16.24
N GLY A 100 -6.36 26.72 -15.96
CA GLY A 100 -6.23 25.42 -15.36
C GLY A 100 -5.88 25.53 -13.88
N SER A 101 -5.23 24.50 -13.37
CA SER A 101 -4.88 24.42 -11.96
C SER A 101 -3.58 25.17 -11.60
N LEU A 102 -3.41 25.43 -10.30
CA LEU A 102 -2.17 25.99 -9.77
C LEU A 102 -0.94 25.13 -10.15
N LYS A 103 -1.12 23.81 -10.13
CA LYS A 103 -0.08 22.84 -10.55
C LYS A 103 0.43 23.15 -11.97
N GLU A 104 -0.49 23.53 -12.85
CA GLU A 104 -0.17 23.87 -14.25
C GLU A 104 0.28 25.32 -14.43
N TYR A 105 -0.34 26.21 -13.65
CA TYR A 105 -0.23 27.65 -13.84
C TYR A 105 0.97 28.27 -13.16
N LEU A 106 1.27 27.84 -11.93
CA LEU A 106 2.36 28.43 -11.16
C LEU A 106 3.75 28.31 -11.80
N PRO A 107 4.10 27.11 -12.35
CA PRO A 107 5.45 26.98 -12.93
C PRO A 107 5.68 27.91 -14.13
N LYS A 108 4.60 28.22 -14.86
CA LYS A 108 4.67 29.09 -16.04
C LYS A 108 4.50 30.58 -15.73
N ASN A 109 4.26 30.93 -14.45
CA ASN A 109 3.92 32.32 -14.08
C ASN A 109 4.64 32.89 -12.85
N LYS A 110 5.76 32.28 -12.46
CA LYS A 110 6.55 32.71 -11.29
C LYS A 110 6.86 34.20 -11.24
N ASN A 111 7.23 34.76 -12.39
CA ASN A 111 7.61 36.18 -12.47
C ASN A 111 6.47 37.13 -12.11
N LYS A 112 5.25 36.70 -12.42
CA LYS A 112 4.00 37.44 -12.17
C LYS A 112 3.47 37.28 -10.75
N ILE A 113 3.85 36.21 -10.06
CA ILE A 113 3.21 35.80 -8.80
C ILE A 113 4.23 35.90 -7.67
N ASN A 114 4.15 36.97 -6.88
CA ASN A 114 5.06 37.16 -5.74
C ASN A 114 4.48 36.59 -4.45
N LEU A 115 5.24 36.67 -3.35
CA LEU A 115 4.79 36.16 -2.04
C LEU A 115 3.42 36.72 -1.62
N LYS A 116 3.22 38.02 -1.82
CA LYS A 116 1.94 38.68 -1.58
C LYS A 116 0.76 38.03 -2.33
N GLN A 117 0.93 37.79 -3.63
CA GLN A 117 -0.09 37.10 -4.42
C GLN A 117 -0.30 35.64 -3.98
N GLN A 118 0.79 34.99 -3.57
CA GLN A 118 0.73 33.61 -3.04
C GLN A 118 -0.15 33.54 -1.79
N LEU A 119 0.05 34.50 -0.89
CA LEU A 119 -0.72 34.56 0.37
C LEU A 119 -2.18 34.96 0.12
N LYS A 120 -2.41 35.78 -0.93
CA LYS A 120 -3.77 36.15 -1.32
C LYS A 120 -4.54 34.97 -1.86
N TYR A 121 -3.89 34.16 -2.71
CA TYR A 121 -4.42 32.84 -3.11
C TYR A 121 -4.72 31.94 -1.89
N ALA A 122 -3.80 31.91 -0.92
CA ALA A 122 -3.97 31.06 0.28
C ALA A 122 -5.24 31.43 1.03
N VAL A 123 -5.43 32.73 1.28
CA VAL A 123 -6.67 33.27 1.86
C VAL A 123 -7.91 32.82 1.05
N GLN A 124 -7.88 32.97 -0.28
CA GLN A 124 -9.00 32.52 -1.12
C GLN A 124 -9.31 31.03 -1.01
N ILE A 125 -8.28 30.22 -0.96
CA ILE A 125 -8.48 28.78 -0.74
C ILE A 125 -9.14 28.53 0.61
N CYS A 126 -8.68 29.25 1.64
CA CYS A 126 -9.24 29.09 2.99
C CYS A 126 -10.67 29.56 3.06
N LYS A 127 -11.00 30.63 2.35
CA LYS A 127 -12.38 31.10 2.32
C LYS A 127 -13.33 30.11 1.63
N GLY A 128 -12.93 29.52 0.50
CA GLY A 128 -13.77 28.49 -0.15
C GLY A 128 -13.91 27.26 0.74
N MET A 129 -12.79 26.87 1.36
CA MET A 129 -12.79 25.69 2.24
C MET A 129 -13.64 25.91 3.48
N ASP A 130 -13.56 27.09 4.07
CA ASP A 130 -14.39 27.40 5.24
C ASP A 130 -15.90 27.39 4.90
N TYR A 131 -16.24 27.90 3.71
CA TYR A 131 -17.62 27.80 3.19
C TYR A 131 -18.07 26.33 3.11
N LEU A 132 -17.20 25.49 2.56
CA LEU A 132 -17.49 24.07 2.40
C LEU A 132 -17.73 23.39 3.76
N GLY A 133 -16.85 23.71 4.72
CA GLY A 133 -16.94 23.23 6.13
C GLY A 133 -18.19 23.67 6.88
N SER A 134 -18.65 24.89 6.62
CA SER A 134 -19.90 25.40 7.22
C SER A 134 -21.14 24.60 6.78
N ARG A 135 -21.06 24.02 5.57
CA ARG A 135 -22.08 23.13 5.01
C ARG A 135 -21.86 21.64 5.37
N GLN A 136 -20.92 21.36 6.28
CA GLN A 136 -20.65 20.02 6.84
C GLN A 136 -20.09 19.04 5.79
N TYR A 137 -19.25 19.53 4.88
CA TYR A 137 -18.56 18.70 3.89
C TYR A 137 -17.09 18.61 4.21
N VAL A 138 -16.50 17.44 4.02
CA VAL A 138 -15.05 17.32 3.98
C VAL A 138 -14.65 17.05 2.52
N HIS A 139 -13.66 17.81 2.05
CA HIS A 139 -13.30 17.82 0.63
C HIS A 139 -12.54 16.58 0.23
N ARG A 140 -11.54 16.22 1.03
CA ARG A 140 -10.71 15.00 0.86
C ARG A 140 -9.82 14.95 -0.41
N ASP A 141 -9.66 16.08 -1.09
CA ASP A 141 -8.80 16.13 -2.28
C ASP A 141 -8.16 17.53 -2.47
N LEU A 142 -7.83 18.18 -1.34
CA LEU A 142 -7.32 19.55 -1.38
C LEU A 142 -5.83 19.52 -1.74
N ALA A 143 -5.56 19.79 -3.00
CA ALA A 143 -4.22 19.80 -3.56
C ALA A 143 -4.20 20.88 -4.63
N ALA A 144 -3.02 21.38 -4.97
CA ALA A 144 -2.90 22.49 -5.91
C ALA A 144 -3.48 22.13 -7.28
N ARG A 145 -3.41 20.84 -7.64
CA ARG A 145 -3.95 20.36 -8.91
C ARG A 145 -5.48 20.50 -8.99
N ASN A 146 -6.14 20.58 -7.83
CA ASN A 146 -7.60 20.77 -7.75
C ASN A 146 -8.05 22.19 -7.40
N VAL A 147 -7.11 23.13 -7.42
CA VAL A 147 -7.38 24.56 -7.24
C VAL A 147 -7.17 25.19 -8.60
N LEU A 148 -8.22 25.80 -9.13
CA LEU A 148 -8.23 26.40 -10.47
C LEU A 148 -7.93 27.90 -10.44
N VAL A 149 -7.23 28.36 -11.46
CA VAL A 149 -6.89 29.76 -11.63
C VAL A 149 -7.93 30.43 -12.54
N GLU A 150 -8.75 31.30 -11.94
CA GLU A 150 -9.69 32.17 -12.68
C GLU A 150 -8.90 33.26 -13.41
N SER A 151 -8.01 33.91 -12.67
CA SER A 151 -7.14 34.96 -13.17
C SER A 151 -5.90 35.03 -12.28
N GLU A 152 -4.97 35.94 -12.59
CA GLU A 152 -3.83 36.17 -11.69
C GLU A 152 -4.24 36.62 -10.28
N HIS A 153 -5.46 37.15 -10.13
CA HIS A 153 -6.00 37.62 -8.84
C HIS A 153 -7.02 36.72 -8.17
N GLN A 154 -7.40 35.61 -8.79
CA GLN A 154 -8.49 34.77 -8.25
C GLN A 154 -8.34 33.28 -8.54
N VAL A 155 -8.46 32.48 -7.48
CA VAL A 155 -8.49 31.02 -7.57
C VAL A 155 -9.84 30.48 -7.08
N LYS A 156 -10.13 29.23 -7.46
CA LYS A 156 -11.36 28.57 -7.09
C LYS A 156 -11.06 27.10 -6.80
N ILE A 157 -11.70 26.56 -5.77
CA ILE A 157 -11.68 25.13 -5.52
C ILE A 157 -12.50 24.49 -6.65
N GLY A 158 -11.89 23.51 -7.32
CA GLY A 158 -12.28 23.14 -8.69
C GLY A 158 -12.76 21.74 -8.99
N ASP A 159 -12.71 20.86 -7.98
CA ASP A 159 -13.16 19.49 -8.17
C ASP A 159 -13.71 18.98 -6.85
N PHE A 160 -14.85 18.29 -6.91
CA PHE A 160 -15.51 17.78 -5.71
C PHE A 160 -15.77 16.28 -5.78
N GLY A 161 -14.96 15.58 -6.58
CA GLY A 161 -15.08 14.12 -6.79
C GLY A 161 -15.01 13.25 -5.54
N LEU A 162 -14.21 13.66 -4.56
CA LEU A 162 -14.03 12.93 -3.28
C LEU A 162 -14.78 13.51 -2.08
N THR A 163 -15.53 14.60 -2.29
CA THR A 163 -16.20 15.30 -1.20
C THR A 163 -17.30 14.47 -0.53
N LYS A 164 -17.32 14.49 0.81
CA LYS A 164 -18.29 13.75 1.58
C LYS A 164 -18.94 14.63 2.65
N ALA A 165 -20.22 14.36 2.94
CA ALA A 165 -20.95 14.99 4.02
C ALA A 165 -20.58 14.38 5.37
N ILE A 166 -20.33 15.22 6.37
CA ILE A 166 -20.18 14.82 7.77
C ILE A 166 -21.56 14.88 8.42
N GLU A 167 -21.93 13.83 9.12
CA GLU A 167 -23.28 13.72 9.72
C GLU A 167 -23.41 14.71 10.89
N THR A 168 -24.64 15.17 11.13
CA THR A 168 -24.96 16.04 12.28
C THR A 168 -24.54 15.37 13.59
N ASP A 169 -24.07 16.18 14.54
CA ASP A 169 -23.57 15.70 15.85
C ASP A 169 -22.48 14.62 15.71
N LYS A 170 -21.64 14.79 14.69
CA LYS A 170 -20.55 13.85 14.39
C LYS A 170 -19.38 14.68 13.86
N GLU A 171 -18.15 14.25 14.18
CA GLU A 171 -16.94 15.03 13.81
C GLU A 171 -16.20 14.52 12.56
N PTR A 172 -16.61 13.35 12.05
CA PTR A 172 -15.92 12.76 10.90
C PTR A 172 -16.75 11.82 10.08
O PTR A 172 -17.78 11.32 10.54
CB PTR A 172 -14.64 12.05 11.38
CG PTR A 172 -14.88 10.84 12.27
CD1 PTR A 172 -14.80 10.96 13.65
CD2 PTR A 172 -15.14 9.58 11.70
CE1 PTR A 172 -15.00 9.86 14.47
CE2 PTR A 172 -15.34 8.47 12.54
CZ PTR A 172 -15.27 8.60 13.92
OH PTR A 172 -15.46 7.45 14.65
P PTR A 172 -16.21 7.31 16.06
O1P PTR A 172 -17.61 7.82 15.78
O2P PTR A 172 -15.42 8.16 17.01
O3P PTR A 172 -16.11 5.83 16.34
N PTR A 173 -16.27 11.59 8.86
CA PTR A 173 -16.85 10.62 7.94
C PTR A 173 -15.83 9.54 7.75
O PTR A 173 -14.64 9.83 7.56
CB PTR A 173 -17.16 11.33 6.62
CG PTR A 173 -17.69 10.37 5.58
CD1 PTR A 173 -16.83 9.83 4.64
CD2 PTR A 173 -19.05 10.04 5.56
CE1 PTR A 173 -17.32 8.93 3.69
CE2 PTR A 173 -19.54 9.15 4.60
CZ PTR A 173 -18.67 8.59 3.65
OH PTR A 173 -19.03 7.69 2.65
P PTR A 173 -20.50 7.12 2.35
O1P PTR A 173 -20.23 6.00 1.37
O2P PTR A 173 -21.02 6.63 3.68
O3P PTR A 173 -21.22 8.32 1.79
N THR A 174 -16.29 8.28 7.83
CA THR A 174 -15.44 7.11 7.58
C THR A 174 -15.64 6.64 6.14
N VAL A 175 -14.57 6.68 5.36
CA VAL A 175 -14.61 6.29 3.95
C VAL A 175 -14.39 4.78 3.87
N LYS A 176 -15.39 4.09 3.31
CA LYS A 176 -15.37 2.62 3.21
C LYS A 176 -14.46 2.17 2.08
N ASP A 177 -14.54 2.86 0.94
CA ASP A 177 -13.62 2.65 -0.18
C ASP A 177 -12.79 3.91 -0.48
N ASP A 178 -11.48 3.79 -0.21
CA ASP A 178 -10.51 4.90 -0.26
C ASP A 178 -9.66 4.80 -1.55
N ARG A 179 -10.36 4.53 -2.66
CA ARG A 179 -9.73 4.20 -3.94
C ARG A 179 -9.00 5.41 -4.50
N ASP A 180 -7.70 5.25 -4.78
CA ASP A 180 -6.88 6.32 -5.36
C ASP A 180 -7.00 7.63 -4.55
N SER A 181 -6.66 7.53 -3.27
CA SER A 181 -6.58 8.68 -2.37
C SER A 181 -5.24 9.41 -2.59
N PRO A 182 -5.21 10.75 -2.46
CA PRO A 182 -3.93 11.49 -2.51
C PRO A 182 -3.21 11.40 -1.15
N VAL A 183 -2.55 10.26 -0.92
CA VAL A 183 -2.01 9.95 0.40
C VAL A 183 -0.98 10.96 0.95
N PHE A 184 -0.20 11.56 0.05
CA PHE A 184 0.83 12.53 0.47
C PHE A 184 0.27 13.90 0.90
N TRP A 185 -1.05 14.06 0.74
CA TRP A 185 -1.80 15.21 1.24
C TRP A 185 -2.67 14.87 2.44
N TYR A 186 -2.60 13.62 2.90
CA TYR A 186 -3.53 13.12 3.92
C TYR A 186 -2.96 13.17 5.34
N ALA A 187 -3.87 13.47 6.27
CA ALA A 187 -3.55 13.51 7.69
C ALA A 187 -3.43 12.07 8.24
N PRO A 188 -2.75 11.91 9.39
CA PRO A 188 -2.57 10.57 9.99
C PRO A 188 -3.87 9.78 10.21
N GLU A 189 -4.92 10.43 10.72
CA GLU A 189 -6.22 9.78 10.95
C GLU A 189 -6.83 9.22 9.64
N CYS A 190 -6.63 9.95 8.55
CA CYS A 190 -7.08 9.51 7.23
C CYS A 190 -6.33 8.26 6.75
N LEU A 191 -5.02 8.25 6.90
CA LEU A 191 -4.19 7.10 6.49
C LEU A 191 -4.39 5.89 7.40
N MET A 192 -4.39 6.13 8.72
CA MET A 192 -4.47 5.06 9.72
C MET A 192 -5.86 4.46 9.85
N GLN A 193 -6.87 5.32 9.98
CA GLN A 193 -8.24 4.87 10.28
C GLN A 193 -9.31 5.18 9.21
N SER A 194 -8.92 5.79 8.09
CA SER A 194 -9.86 6.19 7.03
C SER A 194 -10.96 7.15 7.54
N LYS A 195 -10.59 7.99 8.50
CA LYS A 195 -11.49 8.94 9.14
C LYS A 195 -11.16 10.36 8.64
N PHE A 196 -12.17 11.06 8.16
CA PHE A 196 -12.01 12.41 7.58
C PHE A 196 -12.79 13.43 8.37
N TYR A 197 -12.04 14.35 9.01
CA TYR A 197 -12.56 15.50 9.78
C TYR A 197 -12.41 16.78 8.94
N ILE A 198 -13.03 17.87 9.37
CA ILE A 198 -12.71 19.19 8.77
C ILE A 198 -11.21 19.51 8.96
N ALA A 199 -10.70 19.25 10.15
CA ALA A 199 -9.28 19.39 10.47
C ALA A 199 -8.37 18.55 9.57
N SER A 200 -8.90 17.47 8.97
CA SER A 200 -8.19 16.71 7.95
C SER A 200 -7.96 17.52 6.66
N ASP A 201 -8.94 18.30 6.23
CA ASP A 201 -8.74 19.25 5.11
C ASP A 201 -7.73 20.39 5.48
N VAL A 202 -7.67 20.76 6.76
CA VAL A 202 -6.71 21.75 7.21
C VAL A 202 -5.28 21.22 7.06
N TRP A 203 -5.08 19.94 7.38
CA TRP A 203 -3.80 19.29 7.10
C TRP A 203 -3.45 19.39 5.63
N SER A 204 -4.41 19.03 4.78
N SER A 204 -4.41 19.04 4.79
CA SER A 204 -4.24 19.03 3.31
CA SER A 204 -4.28 19.01 3.32
C SER A 204 -3.97 20.42 2.78
C SER A 204 -4.01 20.41 2.76
N PHE A 205 -4.64 21.41 3.38
CA PHE A 205 -4.37 22.79 3.03
C PHE A 205 -2.90 23.15 3.30
N GLY A 206 -2.34 22.73 4.42
CA GLY A 206 -0.93 22.97 4.70
C GLY A 206 0.01 22.45 3.63
N VAL A 207 -0.30 21.25 3.15
CA VAL A 207 0.44 20.63 2.04
C VAL A 207 0.27 21.44 0.75
N THR A 208 -0.96 21.84 0.44
CA THR A 208 -1.26 22.73 -0.69
C THR A 208 -0.55 24.10 -0.57
N LEU A 209 -0.47 24.66 0.64
CA LEU A 209 0.29 25.89 0.91
C LEU A 209 1.77 25.70 0.57
N HIS A 210 2.32 24.56 0.98
CA HIS A 210 3.69 24.21 0.60
C HIS A 210 3.89 24.26 -0.90
N GLU A 211 2.99 23.59 -1.64
CA GLU A 211 3.03 23.53 -3.12
C GLU A 211 2.99 24.92 -3.74
N LEU A 212 2.07 25.74 -3.24
CA LEU A 212 1.90 27.12 -3.68
C LEU A 212 3.22 27.89 -3.48
N LEU A 213 3.77 27.78 -2.28
CA LEU A 213 5.06 28.43 -1.95
C LEU A 213 6.26 27.93 -2.76
N THR A 214 6.20 26.70 -3.27
CA THR A 214 7.26 26.15 -4.15
C THR A 214 6.92 26.29 -5.64
N TYR A 215 5.84 27.01 -5.94
CA TYR A 215 5.35 27.18 -7.31
C TYR A 215 5.07 25.82 -8.00
N CYS A 216 4.60 24.84 -7.21
CA CYS A 216 4.32 23.49 -7.69
C CYS A 216 5.47 22.87 -8.49
N ASP A 217 6.70 23.08 -8.01
CA ASP A 217 7.88 22.48 -8.62
C ASP A 217 7.91 20.98 -8.31
N SER A 218 8.01 20.16 -9.36
CA SER A 218 7.86 18.70 -9.23
C SER A 218 8.95 18.04 -8.35
N ASP A 219 10.16 18.58 -8.40
CA ASP A 219 11.29 18.04 -7.63
C ASP A 219 11.11 18.25 -6.12
N SER A 220 10.39 19.31 -5.73
CA SER A 220 10.06 19.57 -4.32
C SER A 220 8.56 19.37 -4.01
N SER A 221 7.90 18.50 -4.78
CA SER A 221 6.48 18.19 -4.57
C SER A 221 6.31 17.33 -3.32
N PRO A 222 5.12 17.35 -2.70
CA PRO A 222 4.89 16.53 -1.50
C PRO A 222 5.26 15.06 -1.65
N MET A 223 4.91 14.45 -2.79
CA MET A 223 5.28 13.05 -3.08
C MET A 223 6.80 12.87 -3.08
N ALA A 224 7.47 13.69 -3.89
CA ALA A 224 8.95 13.66 -4.01
C ALA A 224 9.67 13.79 -2.67
N LEU A 225 9.31 14.80 -1.90
CA LEU A 225 9.98 15.07 -0.60
C LEU A 225 9.71 14.01 0.46
N PHE A 226 8.47 13.54 0.56
CA PHE A 226 8.11 12.42 1.44
C PHE A 226 8.80 11.11 1.01
N LEU A 227 8.81 10.83 -0.29
CA LEU A 227 9.47 9.61 -0.82
C LEU A 227 10.99 9.60 -0.58
N LYS A 228 11.61 10.77 -0.59
CA LYS A 228 13.01 10.93 -0.15
C LYS A 228 13.17 10.66 1.35
N MET A 229 12.23 11.17 2.14
CA MET A 229 12.19 10.92 3.60
C MET A 229 12.01 9.44 3.97
N ILE A 230 11.04 8.77 3.33
N ILE A 230 11.03 8.79 3.32
CA ILE A 230 10.72 7.36 3.67
CA ILE A 230 10.65 7.42 3.62
C ILE A 230 11.41 6.35 2.76
C ILE A 230 11.72 6.38 3.24
N GLY A 231 11.26 6.52 1.45
N GLY A 231 12.45 6.67 2.16
CA GLY A 231 11.82 5.58 0.48
CA GLY A 231 13.44 5.72 1.65
C GLY A 231 10.97 5.53 -0.78
C GLY A 231 12.81 4.69 0.73
N PRO A 232 11.60 5.74 -1.93
N PRO A 232 13.60 3.73 0.24
CA PRO A 232 10.91 5.84 -3.22
CA PRO A 232 13.07 2.73 -0.69
C PRO A 232 10.20 4.58 -3.62
C PRO A 232 11.96 1.91 -0.02
N THR A 233 10.87 3.45 -3.45
N THR A 233 10.83 1.74 -0.72
CA THR A 233 10.24 2.17 -3.68
CA THR A 233 9.61 1.13 -0.14
C THR A 233 9.45 1.81 -2.43
C THR A 233 8.90 0.36 -1.27
N HIS A 234 9.05 0.56 -2.34
N HIS A 234 8.11 -0.64 -0.91
CA HIS A 234 8.35 0.05 -1.18
CA HIS A 234 7.17 -1.25 -1.86
C HIS A 234 6.89 -0.21 -1.48
C HIS A 234 5.96 -0.39 -2.00
N GLY A 235 6.36 0.42 -2.53
N GLY A 235 5.33 -0.47 -3.15
CA GLY A 235 5.06 0.00 -3.09
CA GLY A 235 4.11 0.26 -3.41
C GLY A 235 3.92 -0.15 -2.11
C GLY A 235 3.10 -0.05 -2.32
N GLN A 236 3.58 -1.41 -1.78
N GLN A 236 3.21 -1.25 -1.75
CA GLN A 236 2.50 -1.73 -0.82
CA GLN A 236 2.28 -1.67 -0.71
C GLN A 236 2.70 -1.12 0.58
C GLN A 236 2.67 -1.21 0.69
N MET A 237 3.96 -0.96 0.97
CA MET A 237 4.38 -0.45 2.29
C MET A 237 4.51 1.09 2.38
N THR A 238 4.31 1.78 1.26
CA THR A 238 4.44 3.25 1.18
C THR A 238 3.69 3.99 2.29
N VAL A 239 2.37 3.75 2.38
CA VAL A 239 1.49 4.48 3.31
C VAL A 239 1.77 4.19 4.78
N THR A 240 2.07 2.93 5.11
CA THR A 240 2.39 2.58 6.49
C THR A 240 3.74 3.19 6.92
N ARG A 241 4.70 3.22 6.00
CA ARG A 241 5.99 3.90 6.26
C ARG A 241 5.81 5.40 6.39
N LEU A 242 4.94 5.96 5.55
CA LEU A 242 4.57 7.37 5.62
C LEU A 242 3.94 7.70 6.98
N VAL A 243 2.99 6.88 7.43
CA VAL A 243 2.42 7.02 8.78
C VAL A 243 3.51 7.04 9.86
N ASN A 244 4.48 6.13 9.74
CA ASN A 244 5.56 6.02 10.73
C ASN A 244 6.46 7.26 10.79
N THR A 245 6.81 7.80 9.62
CA THR A 245 7.56 9.06 9.53
C THR A 245 6.78 10.24 10.16
N LEU A 246 5.47 10.29 9.93
CA LEU A 246 4.60 11.31 10.55
C LEU A 246 4.48 11.13 12.08
N LYS A 247 4.36 9.88 12.53
CA LYS A 247 4.39 9.56 13.97
C LYS A 247 5.69 10.01 14.66
N GLU A 248 6.82 9.87 13.96
CA GLU A 248 8.13 10.37 14.43
C GLU A 248 8.18 11.91 14.60
N GLY A 249 7.29 12.62 13.92
CA GLY A 249 7.21 14.09 13.99
C GLY A 249 7.82 14.81 12.80
N LYS A 250 8.24 14.04 11.79
CA LYS A 250 8.84 14.60 10.58
C LYS A 250 7.76 15.16 9.67
N ARG A 251 7.99 16.38 9.19
CA ARG A 251 7.08 17.08 8.26
C ARG A 251 7.87 17.64 7.09
N LEU A 252 7.16 18.11 6.07
CA LEU A 252 7.80 18.75 4.90
C LEU A 252 8.58 19.99 5.37
N PRO A 253 9.76 20.24 4.79
CA PRO A 253 10.58 21.36 5.27
C PRO A 253 10.06 22.72 4.80
N CYS A 254 10.60 23.78 5.41
CA CYS A 254 10.27 25.16 5.01
C CYS A 254 10.68 25.38 3.56
N PRO A 255 9.74 25.83 2.70
CA PRO A 255 10.15 26.07 1.31
C PRO A 255 11.22 27.15 1.20
N PRO A 256 11.95 27.18 0.07
CA PRO A 256 12.96 28.21 -0.10
C PRO A 256 12.27 29.56 -0.28
N ASN A 257 12.87 30.60 0.30
CA ASN A 257 12.33 31.97 0.30
C ASN A 257 10.98 32.14 1.04
N CYS A 258 10.63 31.17 1.89
CA CYS A 258 9.39 31.22 2.66
C CYS A 258 9.71 31.73 4.06
N PRO A 259 9.16 32.90 4.45
CA PRO A 259 9.34 33.40 5.82
C PRO A 259 8.90 32.40 6.88
N ASP A 260 9.62 32.38 7.99
CA ASP A 260 9.32 31.49 9.13
C ASP A 260 7.89 31.68 9.63
N GLU A 261 7.42 32.93 9.61
CA GLU A 261 6.04 33.28 10.00
C GLU A 261 4.98 32.54 9.19
N VAL A 262 5.20 32.43 7.87
CA VAL A 262 4.32 31.68 6.97
C VAL A 262 4.50 30.18 7.21
N TYR A 263 5.75 29.76 7.40
CA TYR A 263 6.05 28.36 7.75
C TYR A 263 5.42 27.93 9.06
N GLN A 264 5.37 28.82 10.06
CA GLN A 264 4.72 28.47 11.34
C GLN A 264 3.21 28.25 11.19
N LEU A 265 2.55 29.05 10.35
CA LEU A 265 1.13 28.85 10.01
C LEU A 265 0.90 27.48 9.36
N MET A 266 1.79 27.12 8.45
CA MET A 266 1.85 25.81 7.83
C MET A 266 1.99 24.68 8.87
N ARG A 267 2.90 24.83 9.82
CA ARG A 267 3.14 23.82 10.86
C ARG A 267 1.90 23.54 11.73
N LYS A 268 1.10 24.59 11.99
CA LYS A 268 -0.13 24.46 12.76
C LYS A 268 -1.22 23.64 12.05
N CYS A 269 -1.12 23.52 10.73
CA CYS A 269 -1.97 22.61 9.95
C CYS A 269 -1.60 21.15 10.16
N TRP A 270 -0.37 20.90 10.58
CA TRP A 270 0.20 19.56 10.68
C TRP A 270 0.41 19.02 12.06
N GLU A 271 -0.30 19.57 13.05
CA GLU A 271 -0.35 18.94 14.37
C GLU A 271 -0.87 17.51 14.22
N PHE A 272 -0.23 16.54 14.88
CA PHE A 272 -0.59 15.13 14.70
C PHE A 272 -2.08 14.85 14.97
N GLN A 273 -2.59 15.41 16.07
CA GLN A 273 -3.99 15.23 16.45
C GLN A 273 -4.89 16.26 15.74
N PRO A 274 -6.03 15.81 15.15
CA PRO A 274 -6.94 16.73 14.46
C PRO A 274 -7.49 17.86 15.33
N SER A 275 -7.84 17.55 16.58
CA SER A 275 -8.43 18.56 17.49
C SER A 275 -7.51 19.74 17.85
N ASN A 276 -6.19 19.56 17.68
CA ASN A 276 -5.19 20.60 17.99
C ASN A 276 -4.69 21.38 16.77
N ARG A 277 -5.29 21.15 15.60
CA ARG A 277 -4.92 21.91 14.42
C ARG A 277 -5.64 23.25 14.41
N THR A 278 -5.04 24.17 13.67
CA THR A 278 -5.64 25.48 13.40
C THR A 278 -6.92 25.32 12.59
N SER A 279 -7.75 26.35 12.61
CA SER A 279 -8.95 26.41 11.77
C SER A 279 -8.64 27.19 10.49
N PHE A 280 -9.53 27.09 9.51
CA PHE A 280 -9.41 27.92 8.30
C PHE A 280 -9.56 29.40 8.64
N GLN A 281 -10.47 29.73 9.56
CA GLN A 281 -10.63 31.14 9.99
C GLN A 281 -9.36 31.71 10.65
N ASN A 282 -8.74 30.93 11.53
CA ASN A 282 -7.46 31.29 12.16
C ASN A 282 -6.36 31.53 11.11
N LEU A 283 -6.29 30.64 10.11
CA LEU A 283 -5.37 30.83 8.95
C LEU A 283 -5.62 32.16 8.20
N ILE A 284 -6.87 32.45 7.87
CA ILE A 284 -7.25 33.68 7.14
C ILE A 284 -6.75 34.90 7.91
N GLU A 285 -7.05 34.95 9.20
CA GLU A 285 -6.58 36.03 10.08
C GLU A 285 -5.04 36.13 10.13
N GLY A 286 -4.37 34.98 10.18
CA GLY A 286 -2.91 34.91 10.13
C GLY A 286 -2.31 35.51 8.86
N PHE A 287 -2.82 35.05 7.72
CA PHE A 287 -2.37 35.54 6.42
C PHE A 287 -2.72 37.01 6.23
N GLU A 288 -3.95 37.38 6.55
CA GLU A 288 -4.37 38.80 6.49
C GLU A 288 -3.51 39.76 7.32
N ALA A 289 -3.06 39.33 8.50
CA ALA A 289 -2.14 40.13 9.34
C ALA A 289 -0.75 40.26 8.71
N LEU A 290 -0.28 39.19 8.06
CA LEU A 290 0.97 39.25 7.28
C LEU A 290 0.86 40.17 6.06
N LEU A 291 -0.32 40.21 5.43
CA LEU A 291 -0.55 41.05 4.24
C LEU A 291 -0.63 42.56 4.49
N LYS A 292 -0.99 42.97 5.71
CA LYS A 292 -1.15 44.41 6.02
C LYS A 292 0.19 45.08 6.33
N THR B 1 44.04 -31.42 -10.41
CA THR B 1 43.25 -30.63 -9.44
C THR B 1 41.94 -31.33 -9.05
N GLU B 2 41.53 -31.13 -7.80
CA GLU B 2 40.41 -31.88 -7.20
C GLU B 2 39.04 -31.40 -7.70
N VAL B 3 38.08 -32.32 -7.78
CA VAL B 3 36.70 -31.97 -8.12
C VAL B 3 36.02 -31.40 -6.87
N ASP B 4 35.30 -30.29 -7.03
CA ASP B 4 34.49 -29.71 -5.95
C ASP B 4 33.04 -30.21 -6.12
N PRO B 5 32.54 -31.05 -5.19
CA PRO B 5 31.15 -31.60 -5.31
C PRO B 5 30.00 -30.58 -5.28
N THR B 6 30.27 -29.39 -4.75
CA THR B 6 29.31 -28.27 -4.74
C THR B 6 29.48 -27.29 -5.94
N HIS B 7 30.36 -27.63 -6.89
CA HIS B 7 30.50 -26.86 -8.13
C HIS B 7 29.85 -27.61 -9.25
N PHE B 8 28.81 -27.01 -9.81
CA PHE B 8 28.03 -27.54 -10.92
C PHE B 8 28.37 -26.77 -12.19
N GLU B 9 28.84 -27.49 -13.21
CA GLU B 9 29.18 -26.90 -14.51
C GLU B 9 27.91 -26.55 -15.30
N LYS B 10 27.84 -25.31 -15.80
CA LYS B 10 26.70 -24.87 -16.62
C LYS B 10 26.38 -25.84 -17.77
N ARG B 11 27.43 -26.31 -18.43
CA ARG B 11 27.29 -27.18 -19.61
C ARG B 11 26.56 -28.50 -19.34
N PHE B 12 26.55 -28.95 -18.08
CA PHE B 12 25.82 -30.16 -17.67
C PHE B 12 24.48 -29.91 -16.95
N LEU B 13 24.13 -28.65 -16.70
CA LEU B 13 22.90 -28.30 -15.99
C LEU B 13 21.78 -28.11 -17.03
N LYS B 14 21.03 -29.18 -17.25
CA LYS B 14 20.05 -29.24 -18.34
C LYS B 14 18.67 -28.93 -17.83
N ARG B 15 18.13 -27.81 -18.33
CA ARG B 15 16.82 -27.30 -17.91
C ARG B 15 15.69 -28.23 -18.37
N ILE B 16 14.83 -28.58 -17.41
CA ILE B 16 13.65 -29.40 -17.66
C ILE B 16 12.41 -28.52 -17.77
N ARG B 17 12.12 -27.75 -16.72
CA ARG B 17 10.98 -26.83 -16.73
C ARG B 17 11.08 -25.77 -15.63
N ASP B 18 10.28 -24.72 -15.76
CA ASP B 18 10.19 -23.68 -14.73
C ASP B 18 9.32 -24.17 -13.58
N LEU B 19 9.73 -23.89 -12.34
CA LEU B 19 8.97 -24.30 -11.16
C LEU B 19 8.16 -23.14 -10.61
N GLY B 20 8.82 -22.01 -10.48
CA GLY B 20 8.19 -20.76 -10.10
C GLY B 20 8.90 -19.66 -10.86
N GLU B 21 8.15 -18.60 -11.20
CA GLU B 21 8.74 -17.45 -11.87
C GLU B 21 8.34 -16.14 -11.18
N GLY B 22 9.27 -15.19 -11.22
CA GLY B 22 9.09 -13.88 -10.62
C GLY B 22 9.45 -12.78 -11.60
N HIS B 23 9.13 -11.55 -11.24
CA HIS B 23 9.47 -10.38 -12.06
C HIS B 23 10.97 -10.26 -12.24
N PHE B 24 11.73 -10.56 -11.19
CA PHE B 24 13.19 -10.46 -11.23
C PHE B 24 13.96 -11.78 -11.13
N GLY B 25 13.34 -12.81 -10.55
CA GLY B 25 14.02 -14.10 -10.29
C GLY B 25 13.23 -15.30 -10.77
N LYS B 26 13.94 -16.42 -10.95
CA LYS B 26 13.33 -17.68 -11.38
C LYS B 26 13.88 -18.87 -10.62
N VAL B 27 13.03 -19.87 -10.48
CA VAL B 27 13.45 -21.17 -10.01
C VAL B 27 13.07 -22.21 -11.05
N GLU B 28 14.05 -23.01 -11.46
CA GLU B 28 13.88 -24.02 -12.51
C GLU B 28 14.23 -25.42 -12.00
N LEU B 29 13.47 -26.41 -12.49
CA LEU B 29 13.83 -27.83 -12.36
C LEU B 29 14.85 -28.13 -13.46
N CYS B 30 16.05 -28.56 -13.05
CA CYS B 30 17.11 -29.02 -13.97
C CYS B 30 17.53 -30.43 -13.63
N ARG B 31 18.06 -31.12 -14.62
CA ARG B 31 18.85 -32.32 -14.38
C ARG B 31 20.32 -31.96 -14.56
N TYR B 32 21.13 -32.20 -13.53
CA TYR B 32 22.59 -32.11 -13.66
C TYR B 32 23.12 -33.41 -14.24
N ASP B 33 23.49 -33.38 -15.52
CA ASP B 33 23.68 -34.62 -16.27
C ASP B 33 25.08 -34.72 -16.91
N PRO B 34 26.13 -34.86 -16.08
CA PRO B 34 27.51 -34.91 -16.61
C PRO B 34 27.79 -36.07 -17.56
N GLU B 35 27.09 -37.20 -17.37
CA GLU B 35 27.25 -38.36 -18.25
C GLU B 35 26.46 -38.22 -19.55
N GLY B 36 25.52 -37.26 -19.60
CA GLY B 36 24.74 -36.98 -20.81
C GLY B 36 23.78 -38.07 -21.25
N ASP B 37 23.36 -38.93 -20.32
CA ASP B 37 22.48 -40.09 -20.62
C ASP B 37 21.14 -40.07 -19.85
N ASN B 38 20.73 -38.89 -19.37
CA ASN B 38 19.47 -38.71 -18.59
C ASN B 38 19.43 -39.47 -17.25
N THR B 39 20.59 -39.76 -16.67
CA THR B 39 20.64 -40.45 -15.36
C THR B 39 21.01 -39.50 -14.21
N GLY B 40 21.22 -38.23 -14.54
CA GLY B 40 21.65 -37.24 -13.57
C GLY B 40 20.59 -36.93 -12.53
N GLU B 41 21.03 -36.36 -11.40
CA GLU B 41 20.11 -35.99 -10.33
C GLU B 41 19.30 -34.76 -10.74
N GLN B 42 18.01 -34.75 -10.38
CA GLN B 42 17.17 -33.56 -10.56
C GLN B 42 17.52 -32.54 -9.46
N VAL B 43 17.61 -31.25 -9.84
CA VAL B 43 17.90 -30.18 -8.89
C VAL B 43 16.98 -28.99 -9.15
N ALA B 44 16.65 -28.28 -8.07
CA ALA B 44 16.00 -26.96 -8.10
C ALA B 44 17.07 -25.88 -8.22
N VAL B 45 16.92 -24.99 -9.21
CA VAL B 45 17.95 -24.01 -9.55
C VAL B 45 17.37 -22.61 -9.43
N LYS B 46 17.95 -21.79 -8.55
CA LYS B 46 17.53 -20.39 -8.35
C LYS B 46 18.54 -19.45 -8.99
N SER B 47 18.05 -18.57 -9.84
CA SER B 47 18.89 -17.61 -10.57
C SER B 47 18.16 -16.28 -10.73
N LEU B 48 18.77 -15.33 -11.46
CA LEU B 48 18.17 -14.02 -11.76
C LEU B 48 18.08 -13.78 -13.28
N GLY B 54 21.78 -6.30 -10.43
CA GLY B 54 22.89 -5.91 -9.56
C GLY B 54 22.52 -5.88 -8.08
N ASN B 55 21.43 -5.18 -7.77
CA ASN B 55 20.91 -5.12 -6.40
C ASN B 55 20.36 -6.47 -5.93
N HIS B 56 19.72 -7.20 -6.85
CA HIS B 56 19.22 -8.55 -6.59
C HIS B 56 20.30 -9.61 -6.53
N ILE B 57 21.43 -9.39 -7.22
CA ILE B 57 22.55 -10.34 -7.25
C ILE B 57 23.24 -10.43 -5.89
N ALA B 58 23.48 -9.27 -5.27
CA ALA B 58 23.97 -9.18 -3.89
C ALA B 58 23.12 -9.98 -2.90
N ASP B 59 21.80 -9.91 -3.07
CA ASP B 59 20.85 -10.62 -2.20
C ASP B 59 20.93 -12.13 -2.40
N LEU B 60 20.98 -12.57 -3.66
CA LEU B 60 21.07 -14.00 -3.98
C LEU B 60 22.35 -14.60 -3.41
N LYS B 61 23.46 -13.87 -3.48
CA LYS B 61 24.72 -14.32 -2.86
C LYS B 61 24.63 -14.44 -1.32
N LYS B 62 23.91 -13.53 -0.68
CA LYS B 62 23.71 -13.59 0.77
C LYS B 62 22.87 -14.82 1.14
N GLU B 63 21.81 -15.05 0.37
CA GLU B 63 20.94 -16.22 0.50
C GLU B 63 21.73 -17.53 0.34
N ILE B 64 22.60 -17.59 -0.67
CA ILE B 64 23.48 -18.75 -0.90
C ILE B 64 24.35 -19.04 0.31
N GLU B 65 25.04 -18.01 0.80
CA GLU B 65 25.94 -18.17 1.95
C GLU B 65 25.20 -18.55 3.26
N ILE B 66 23.96 -18.08 3.41
CA ILE B 66 23.10 -18.51 4.52
C ILE B 66 22.77 -20.01 4.41
N LEU B 67 22.25 -20.41 3.24
CA LEU B 67 21.78 -21.79 3.06
C LEU B 67 22.93 -22.80 3.07
N ARG B 68 24.07 -22.44 2.47
CA ARG B 68 25.29 -23.28 2.48
C ARG B 68 25.67 -23.83 3.86
N ASN B 69 25.44 -23.02 4.89
CA ASN B 69 25.78 -23.36 6.27
C ASN B 69 24.63 -23.78 7.18
N LEU B 70 23.44 -24.00 6.61
CA LEU B 70 22.33 -24.61 7.37
C LEU B 70 22.24 -26.11 7.07
N TYR B 71 22.29 -26.90 8.14
CA TYR B 71 22.17 -28.37 8.05
C TYR B 71 21.14 -28.83 9.06
N HIS B 72 19.96 -29.22 8.56
CA HIS B 72 18.85 -29.69 9.44
C HIS B 72 17.85 -30.52 8.67
N GLU B 73 17.33 -31.55 9.33
CA GLU B 73 16.35 -32.49 8.73
C GLU B 73 15.12 -31.81 8.08
N ASN B 74 14.70 -30.70 8.66
CA ASN B 74 13.56 -29.91 8.20
C ASN B 74 13.96 -28.57 7.55
N ILE B 75 15.19 -28.49 7.02
CA ILE B 75 15.63 -27.42 6.12
C ILE B 75 16.07 -28.03 4.77
N VAL B 76 15.59 -27.44 3.67
CA VAL B 76 15.93 -27.91 2.31
C VAL B 76 17.44 -27.93 2.08
N LYS B 77 17.91 -28.96 1.40
CA LYS B 77 19.36 -29.22 1.30
C LYS B 77 20.00 -28.37 0.22
N TYR B 78 20.99 -27.58 0.63
CA TYR B 78 21.94 -26.95 -0.29
C TYR B 78 22.71 -28.03 -1.02
N LYS B 79 22.81 -27.91 -2.34
CA LYS B 79 23.71 -28.80 -3.13
C LYS B 79 24.96 -28.08 -3.62
N GLY B 80 24.81 -26.85 -4.11
CA GLY B 80 25.97 -26.05 -4.47
C GLY B 80 25.64 -24.82 -5.29
N ILE B 81 26.58 -24.44 -6.17
CA ILE B 81 26.43 -23.28 -7.03
C ILE B 81 26.90 -23.56 -8.45
N CYS B 82 26.36 -22.78 -9.38
CA CYS B 82 26.88 -22.67 -10.75
C CYS B 82 27.26 -21.20 -10.93
N THR B 83 28.50 -20.97 -11.34
CA THR B 83 29.03 -19.60 -11.50
C THR B 83 28.64 -19.00 -12.86
N GLY B 89 27.53 -13.32 -12.28
CA GLY B 89 26.32 -14.13 -12.30
C GLY B 89 26.52 -15.47 -11.60
N ILE B 90 25.52 -15.86 -10.81
CA ILE B 90 25.58 -17.09 -10.00
C ILE B 90 24.18 -17.72 -9.87
N LYS B 91 24.16 -19.04 -9.72
CA LYS B 91 22.93 -19.81 -9.52
C LYS B 91 23.05 -20.64 -8.24
N LEU B 92 21.96 -20.72 -7.49
CA LEU B 92 21.89 -21.56 -6.29
C LEU B 92 21.26 -22.90 -6.66
N ILE B 93 21.95 -23.99 -6.32
CA ILE B 93 21.49 -25.33 -6.64
C ILE B 93 21.06 -26.00 -5.34
N MET B 94 19.81 -26.46 -5.29
CA MET B 94 19.21 -27.11 -4.13
C MET B 94 18.65 -28.46 -4.58
N GLU B 95 18.39 -29.33 -3.61
CA GLU B 95 17.67 -30.56 -3.89
C GLU B 95 16.27 -30.26 -4.43
N PHE B 96 15.76 -31.15 -5.27
CA PHE B 96 14.41 -31.04 -5.78
C PHE B 96 13.47 -31.97 -5.03
N LEU B 97 12.34 -31.45 -4.60
CA LEU B 97 11.33 -32.24 -3.89
C LEU B 97 10.04 -32.26 -4.77
N PRO B 98 9.81 -33.37 -5.51
CA PRO B 98 8.71 -33.50 -6.50
C PRO B 98 7.30 -33.13 -6.02
N SER B 99 7.01 -33.43 -4.76
CA SER B 99 5.70 -33.10 -4.17
C SER B 99 5.45 -31.60 -3.98
N GLY B 100 6.53 -30.81 -3.92
CA GLY B 100 6.41 -29.36 -3.91
C GLY B 100 5.97 -28.88 -2.53
N SER B 101 5.38 -27.69 -2.49
CA SER B 101 5.02 -27.06 -1.23
C SER B 101 3.70 -27.61 -0.65
N LEU B 102 3.45 -27.29 0.63
CA LEU B 102 2.15 -27.64 1.26
C LEU B 102 0.97 -27.05 0.48
N LYS B 103 1.17 -25.85 -0.07
CA LYS B 103 0.16 -25.15 -0.89
C LYS B 103 -0.32 -26.04 -2.04
N GLU B 104 0.66 -26.65 -2.73
CA GLU B 104 0.42 -27.52 -3.87
C GLU B 104 -0.08 -28.90 -3.44
N TYR B 105 0.54 -29.44 -2.38
CA TYR B 105 0.35 -30.82 -1.93
C TYR B 105 -0.93 -31.08 -1.15
N LEU B 106 -1.24 -30.24 -0.18
CA LEU B 106 -2.35 -30.50 0.75
C LEU B 106 -3.72 -30.61 0.05
N PRO B 107 -4.04 -29.72 -0.91
CA PRO B 107 -5.33 -29.82 -1.62
C PRO B 107 -5.58 -31.15 -2.35
N LYS B 108 -4.48 -31.76 -2.80
CA LYS B 108 -4.51 -33.04 -3.51
C LYS B 108 -4.40 -34.27 -2.61
N ASN B 109 -4.10 -34.08 -1.32
CA ASN B 109 -3.84 -35.23 -0.41
C ASN B 109 -4.60 -35.24 0.92
N LYS B 110 -5.74 -34.54 0.96
CA LYS B 110 -6.58 -34.47 2.17
C LYS B 110 -6.90 -35.85 2.77
N ASN B 111 -7.16 -36.84 1.91
CA ASN B 111 -7.51 -38.18 2.39
C ASN B 111 -6.44 -38.88 3.24
N LYS B 112 -5.17 -38.75 2.83
CA LYS B 112 -4.03 -39.37 3.55
C LYS B 112 -3.41 -38.54 4.67
N ILE B 113 -3.74 -37.25 4.75
CA ILE B 113 -3.20 -36.33 5.76
C ILE B 113 -4.30 -35.98 6.77
N ASN B 114 -4.26 -36.65 7.92
CA ASN B 114 -5.24 -36.41 9.00
C ASN B 114 -4.68 -35.39 10.02
N LEU B 115 -5.47 -35.07 11.05
CA LEU B 115 -5.05 -34.10 12.09
C LEU B 115 -3.71 -34.46 12.75
N LYS B 116 -3.55 -35.72 13.13
CA LYS B 116 -2.29 -36.19 13.71
C LYS B 116 -1.06 -35.90 12.80
N GLN B 117 -1.20 -36.09 11.49
CA GLN B 117 -0.12 -35.76 10.55
C GLN B 117 0.09 -34.25 10.42
N GLN B 118 -1.01 -33.49 10.37
CA GLN B 118 -0.95 -32.02 10.38
C GLN B 118 -0.12 -31.49 11.56
N LEU B 119 -0.38 -32.00 12.76
CA LEU B 119 0.37 -31.56 13.94
C LEU B 119 1.83 -31.99 13.89
N LYS B 120 2.08 -33.17 13.30
CA LYS B 120 3.46 -33.64 13.11
C LYS B 120 4.26 -32.74 12.15
N TYR B 121 3.62 -32.30 11.07
CA TYR B 121 4.21 -31.30 10.17
C TYR B 121 4.50 -29.99 10.92
N ALA B 122 3.53 -29.56 11.75
CA ALA B 122 3.65 -28.33 12.58
C ALA B 122 4.89 -28.41 13.46
N VAL B 123 5.06 -29.54 14.15
CA VAL B 123 6.27 -29.78 14.94
C VAL B 123 7.55 -29.69 14.10
N GLN B 124 7.56 -30.34 12.95
CA GLN B 124 8.73 -30.29 12.05
C GLN B 124 9.06 -28.85 11.61
N ILE B 125 8.03 -28.10 11.28
CA ILE B 125 8.20 -26.69 10.91
C ILE B 125 8.80 -25.90 12.07
N CYS B 126 8.28 -26.10 13.28
CA CYS B 126 8.83 -25.45 14.47
C CYS B 126 10.28 -25.84 14.71
N LYS B 127 10.62 -27.11 14.47
CA LYS B 127 12.00 -27.58 14.69
C LYS B 127 12.99 -26.93 13.73
N GLY B 128 12.62 -26.80 12.46
CA GLY B 128 13.46 -26.11 11.47
C GLY B 128 13.58 -24.64 11.84
N MET B 129 12.44 -24.03 12.19
CA MET B 129 12.42 -22.62 12.60
C MET B 129 13.25 -22.36 13.86
N ASP B 130 13.13 -23.22 14.87
CA ASP B 130 13.95 -23.03 16.08
C ASP B 130 15.47 -23.16 15.81
N TYR B 131 15.84 -24.07 14.92
CA TYR B 131 17.23 -24.17 14.45
C TYR B 131 17.71 -22.87 13.81
N LEU B 132 16.87 -22.28 12.98
CA LEU B 132 17.21 -21.04 12.28
C LEU B 132 17.38 -19.88 13.26
N GLY B 133 16.46 -19.78 14.23
CA GLY B 133 16.51 -18.76 15.29
C GLY B 133 17.71 -18.88 16.22
N SER B 134 18.09 -20.13 16.53
CA SER B 134 19.37 -20.41 17.25
C SER B 134 20.62 -19.90 16.49
N ARG B 135 20.54 -19.83 15.16
N ARG B 135 20.54 -19.83 15.16
CA ARG B 135 21.60 -19.25 14.32
CA ARG B 135 21.60 -19.25 14.32
C ARG B 135 21.42 -17.75 14.06
C ARG B 135 21.42 -17.75 14.07
N GLN B 136 20.51 -17.12 14.82
CA GLN B 136 20.25 -15.66 14.75
C GLN B 136 19.72 -15.17 13.40
N TYR B 137 18.89 -15.98 12.75
CA TYR B 137 18.24 -15.57 11.50
C TYR B 137 16.74 -15.37 11.72
N VAL B 138 16.18 -14.35 11.07
CA VAL B 138 14.73 -14.21 10.93
C VAL B 138 14.34 -14.54 9.48
N HIS B 139 13.39 -15.45 9.32
CA HIS B 139 13.06 -16.03 8.01
C HIS B 139 12.34 -15.07 7.09
N ARG B 140 11.31 -14.42 7.62
CA ARG B 140 10.52 -13.37 6.93
C ARG B 140 9.64 -13.84 5.75
N ASP B 141 9.47 -15.16 5.58
CA ASP B 141 8.69 -15.71 4.46
C ASP B 141 8.07 -17.07 4.83
N LEU B 142 7.66 -17.21 6.09
CA LEU B 142 7.16 -18.50 6.57
C LEU B 142 5.69 -18.59 6.23
N ALA B 143 5.43 -19.24 5.09
CA ALA B 143 4.11 -19.47 4.56
C ALA B 143 4.10 -20.88 4.01
N ALA B 144 2.91 -21.43 3.85
CA ALA B 144 2.76 -22.82 3.40
C ALA B 144 3.41 -23.06 2.04
N ARG B 145 3.35 -22.05 1.17
CA ARG B 145 3.98 -22.12 -0.15
C ARG B 145 5.51 -22.25 -0.13
N ASN B 146 6.13 -21.96 1.02
CA ASN B 146 7.59 -22.10 1.23
C ASN B 146 8.00 -23.25 2.12
N VAL B 147 7.03 -24.09 2.49
CA VAL B 147 7.28 -25.34 3.19
C VAL B 147 7.10 -26.50 2.21
N LEU B 148 8.17 -27.26 2.01
CA LEU B 148 8.25 -28.32 1.00
C LEU B 148 7.90 -29.68 1.60
N VAL B 149 7.24 -30.52 0.80
CA VAL B 149 6.87 -31.88 1.21
C VAL B 149 7.94 -32.87 0.72
N GLU B 150 8.72 -33.42 1.66
CA GLU B 150 9.71 -34.47 1.37
C GLU B 150 8.97 -35.79 1.12
N SER B 151 7.97 -36.04 1.96
CA SER B 151 7.15 -37.24 1.88
C SER B 151 5.88 -37.00 2.67
N GLU B 152 4.95 -37.95 2.71
CA GLU B 152 3.76 -37.78 3.56
C GLU B 152 4.14 -37.62 5.06
N HIS B 153 5.35 -38.04 5.44
CA HIS B 153 5.81 -37.98 6.83
C HIS B 153 6.82 -36.88 7.14
N GLN B 154 7.22 -36.08 6.16
CA GLN B 154 8.30 -35.09 6.38
C GLN B 154 8.16 -33.82 5.55
N VAL B 155 8.26 -32.68 6.22
CA VAL B 155 8.34 -31.37 5.56
C VAL B 155 9.69 -30.70 5.81
N LYS B 156 10.01 -29.74 4.95
CA LYS B 156 11.24 -28.96 5.04
C LYS B 156 10.98 -27.50 4.68
N ILE B 157 11.59 -26.59 5.44
N ILE B 157 11.55 -26.58 5.46
CA ILE B 157 11.55 -25.15 5.11
CA ILE B 157 11.50 -25.16 5.11
C ILE B 157 12.36 -24.97 3.82
C ILE B 157 12.33 -25.00 3.83
N GLY B 158 11.73 -24.41 2.80
CA GLY B 158 12.21 -24.55 1.40
C GLY B 158 12.76 -23.37 0.63
N ASP B 159 12.71 -22.19 1.24
CA ASP B 159 13.21 -20.97 0.58
C ASP B 159 13.72 -20.01 1.62
N PHE B 160 14.83 -19.34 1.32
CA PHE B 160 15.50 -18.45 2.28
C PHE B 160 15.77 -17.07 1.67
N GLY B 161 14.95 -16.71 0.68
CA GLY B 161 15.13 -15.49 -0.11
C GLY B 161 15.03 -14.19 0.66
N LEU B 162 14.14 -14.14 1.66
CA LEU B 162 13.99 -12.98 2.55
C LEU B 162 14.72 -13.08 3.91
N THR B 163 15.44 -14.18 4.13
CA THR B 163 16.10 -14.44 5.42
C THR B 163 17.22 -13.41 5.74
N LYS B 164 17.14 -12.82 6.94
CA LYS B 164 18.12 -11.86 7.42
C LYS B 164 18.70 -12.25 8.78
N ALA B 165 19.92 -11.81 9.02
CA ALA B 165 20.59 -12.01 10.30
C ALA B 165 20.19 -10.93 11.31
N ILE B 166 19.88 -11.35 12.54
CA ILE B 166 19.71 -10.45 13.69
C ILE B 166 21.10 -10.24 14.32
N GLU B 167 21.51 -8.98 14.44
CA GLU B 167 22.83 -8.65 14.99
C GLU B 167 22.91 -9.05 16.47
N THR B 168 24.10 -9.49 16.90
CA THR B 168 24.36 -9.86 18.29
C THR B 168 23.99 -8.72 19.24
N ASP B 169 23.40 -9.07 20.38
CA ASP B 169 22.91 -8.10 21.39
C ASP B 169 21.74 -7.21 20.89
N LYS B 170 21.11 -7.61 19.79
CA LYS B 170 19.93 -6.92 19.24
C LYS B 170 18.76 -7.91 19.18
N GLU B 171 17.55 -7.36 19.23
CA GLU B 171 16.31 -8.12 19.25
C GLU B 171 15.67 -8.25 17.87
N PTR B 172 16.05 -7.39 16.93
CA PTR B 172 15.42 -7.35 15.62
C PTR B 172 16.27 -6.77 14.54
O PTR B 172 17.23 -6.05 14.79
CB PTR B 172 14.10 -6.57 15.74
CG PTR B 172 14.26 -5.09 16.09
CD1 PTR B 172 14.18 -4.66 17.42
CD2 PTR B 172 14.45 -4.16 15.07
CE1 PTR B 172 14.30 -3.31 17.73
CE2 PTR B 172 14.58 -2.80 15.38
CZ PTR B 172 14.52 -2.37 16.70
OH PTR B 172 14.63 -1.03 16.95
P PTR B 172 15.63 -0.37 18.01
O1P PTR B 172 16.93 -1.11 17.78
O2P PTR B 172 15.64 1.08 17.61
O3P PTR B 172 14.97 -0.65 19.34
N PTR B 173 15.88 -7.10 13.30
CA PTR B 173 16.49 -6.55 12.10
C PTR B 173 15.48 -5.65 11.44
O PTR B 173 14.29 -5.99 11.32
CB PTR B 173 16.90 -7.72 11.19
CG PTR B 173 17.50 -7.17 9.92
CD1 PTR B 173 16.68 -7.05 8.79
CD2 PTR B 173 18.84 -6.77 9.88
CE1 PTR B 173 17.22 -6.53 7.61
CE2 PTR B 173 19.36 -6.25 8.70
CZ PTR B 173 18.56 -6.13 7.55
OH PTR B 173 19.01 -5.61 6.36
P PTR B 173 20.43 -5.97 5.65
O1P PTR B 173 20.15 -5.64 4.20
O2P PTR B 173 20.65 -7.43 5.94
O3P PTR B 173 21.43 -5.06 6.33
N THR B 174 15.94 -4.46 11.03
CA THR B 174 15.10 -3.48 10.33
C THR B 174 15.34 -3.57 8.83
N VAL B 175 14.30 -3.91 8.07
CA VAL B 175 14.40 -4.13 6.63
C VAL B 175 14.26 -2.80 5.89
N LYS B 176 15.22 -2.49 5.03
CA LYS B 176 15.18 -1.28 4.18
C LYS B 176 14.36 -1.51 2.91
N ASP B 177 14.58 -2.66 2.26
CA ASP B 177 13.84 -3.07 1.07
C ASP B 177 12.77 -4.12 1.42
N ASP B 178 11.54 -3.64 1.59
CA ASP B 178 10.38 -4.45 2.06
C ASP B 178 9.43 -4.87 0.90
N ARG B 179 10.01 -4.95 -0.29
CA ARG B 179 9.29 -5.26 -1.51
C ARG B 179 9.23 -6.75 -1.68
N ASP B 180 8.10 -7.25 -2.20
CA ASP B 180 7.83 -8.69 -2.31
C ASP B 180 7.54 -9.31 -0.93
N SER B 181 6.95 -8.50 -0.03
CA SER B 181 6.65 -8.96 1.36
C SER B 181 5.26 -9.62 1.44
N PRO B 182 5.15 -10.81 2.08
CA PRO B 182 3.84 -11.47 2.29
C PRO B 182 3.07 -10.86 3.47
N VAL B 183 2.41 -9.72 3.22
CA VAL B 183 1.84 -8.91 4.31
C VAL B 183 0.76 -9.61 5.16
N PHE B 184 0.01 -10.53 4.55
CA PHE B 184 -1.02 -11.29 5.29
C PHE B 184 -0.46 -12.37 6.24
N TRP B 185 0.86 -12.58 6.23
CA TRP B 185 1.60 -13.42 7.17
C TRP B 185 2.39 -12.63 8.19
N TYR B 186 2.32 -11.31 8.15
CA TYR B 186 3.25 -10.47 8.89
C TYR B 186 2.66 -9.93 10.20
N ALA B 187 3.50 -9.90 11.24
CA ALA B 187 3.17 -9.34 12.54
C ALA B 187 3.00 -7.81 12.42
N PRO B 188 2.28 -7.19 13.38
CA PRO B 188 2.10 -5.73 13.33
C PRO B 188 3.38 -4.91 13.28
N GLU B 189 4.38 -5.29 14.08
CA GLU B 189 5.71 -4.64 14.09
C GLU B 189 6.43 -4.64 12.74
N CYS B 190 6.18 -5.68 11.94
CA CYS B 190 6.68 -5.77 10.56
C CYS B 190 5.97 -4.79 9.64
N LEU B 191 4.63 -4.75 9.72
CA LEU B 191 3.81 -3.91 8.86
C LEU B 191 3.91 -2.42 9.20
N MET B 192 3.96 -2.13 10.49
CA MET B 192 4.01 -0.74 11.01
C MET B 192 5.41 -0.14 10.96
N GLN B 193 6.43 -0.90 11.37
CA GLN B 193 7.80 -0.37 11.51
C GLN B 193 8.92 -1.08 10.74
N SER B 194 8.60 -2.10 9.95
CA SER B 194 9.60 -2.89 9.21
C SER B 194 10.67 -3.51 10.14
N LYS B 195 10.25 -3.89 11.35
CA LYS B 195 11.10 -4.53 12.33
C LYS B 195 10.77 -6.02 12.40
N PHE B 196 11.80 -6.86 12.37
CA PHE B 196 11.65 -8.32 12.32
C PHE B 196 12.38 -8.99 13.48
N TYR B 197 11.58 -9.56 14.38
CA TYR B 197 12.04 -10.31 15.55
C TYR B 197 11.89 -11.80 15.24
N ILE B 198 12.54 -12.65 16.04
CA ILE B 198 12.21 -14.09 16.02
C ILE B 198 10.71 -14.32 16.30
N ALA B 199 10.17 -13.52 17.23
CA ALA B 199 8.72 -13.54 17.53
C ALA B 199 7.84 -13.16 16.32
N SER B 200 8.38 -12.44 15.34
CA SER B 200 7.66 -12.15 14.09
C SER B 200 7.49 -13.41 13.22
N ASP B 201 8.53 -14.23 13.13
CA ASP B 201 8.38 -15.59 12.54
C ASP B 201 7.38 -16.49 13.29
N VAL B 202 7.28 -16.35 14.61
CA VAL B 202 6.28 -17.10 15.38
C VAL B 202 4.87 -16.69 14.95
N TRP B 203 4.66 -15.39 14.73
CA TRP B 203 3.39 -14.90 14.20
C TRP B 203 3.07 -15.54 12.86
N SER B 204 4.04 -15.51 11.95
CA SER B 204 3.93 -16.12 10.59
C SER B 204 3.67 -17.62 10.67
N PHE B 205 4.34 -18.28 11.63
CA PHE B 205 4.06 -19.69 11.86
C PHE B 205 2.57 -19.93 12.19
N GLY B 206 1.99 -19.10 13.04
CA GLY B 206 0.56 -19.20 13.35
C GLY B 206 -0.32 -19.16 12.11
N VAL B 207 -0.01 -18.23 11.20
CA VAL B 207 -0.72 -18.11 9.93
C VAL B 207 -0.52 -19.36 9.08
N THR B 208 0.72 -19.83 9.00
CA THR B 208 1.06 -21.08 8.32
C THR B 208 0.33 -22.31 8.90
N LEU B 209 0.19 -22.37 10.23
CA LEU B 209 -0.56 -23.46 10.88
C LEU B 209 -2.03 -23.40 10.49
N HIS B 210 -2.57 -22.19 10.38
CA HIS B 210 -3.95 -22.01 9.91
C HIS B 210 -4.13 -22.58 8.52
N GLU B 211 -3.17 -22.29 7.64
CA GLU B 211 -3.16 -22.81 6.26
C GLU B 211 -3.15 -24.34 6.25
N LEU B 212 -2.22 -24.89 7.02
CA LEU B 212 -2.06 -26.34 7.17
C LEU B 212 -3.39 -26.98 7.57
N LEU B 213 -4.00 -26.45 8.62
CA LEU B 213 -5.28 -26.91 9.14
C LEU B 213 -6.48 -26.74 8.18
N THR B 214 -6.38 -25.80 7.24
CA THR B 214 -7.40 -25.66 6.18
C THR B 214 -7.05 -26.44 4.88
N TYR B 215 -5.96 -27.22 4.92
CA TYR B 215 -5.42 -27.92 3.74
C TYR B 215 -5.12 -26.95 2.58
N CYS B 216 -4.67 -25.73 2.93
CA CYS B 216 -4.35 -24.69 1.95
C CYS B 216 -5.46 -24.44 0.93
N ASP B 217 -6.69 -24.38 1.44
CA ASP B 217 -7.85 -24.05 0.60
C ASP B 217 -7.79 -22.56 0.27
N SER B 218 -7.85 -22.25 -1.03
CA SER B 218 -7.74 -20.87 -1.53
C SER B 218 -8.86 -19.95 -1.00
N ASP B 219 -10.08 -20.45 -0.94
CA ASP B 219 -11.23 -19.66 -0.44
C ASP B 219 -11.15 -19.31 1.06
N SER B 220 -10.33 -20.05 1.81
CA SER B 220 -10.09 -19.77 3.23
C SER B 220 -8.65 -19.29 3.51
N SER B 221 -7.95 -18.85 2.47
CA SER B 221 -6.54 -18.42 2.61
C SER B 221 -6.43 -17.16 3.47
N PRO B 222 -5.24 -16.90 4.02
CA PRO B 222 -5.04 -15.67 4.81
C PRO B 222 -5.38 -14.37 4.06
N MET B 223 -4.98 -14.28 2.79
CA MET B 223 -5.30 -13.12 1.95
C MET B 223 -6.82 -13.01 1.75
N ALA B 224 -7.45 -14.12 1.35
CA ALA B 224 -8.90 -14.18 1.15
C ALA B 224 -9.67 -13.78 2.41
N LEU B 225 -9.30 -14.38 3.55
CA LEU B 225 -10.02 -14.13 4.81
C LEU B 225 -9.80 -12.73 5.36
N PHE B 226 -8.55 -12.25 5.33
CA PHE B 226 -8.24 -10.88 5.80
C PHE B 226 -8.85 -9.80 4.90
N LEU B 227 -8.84 -10.01 3.58
CA LEU B 227 -9.47 -9.06 2.65
C LEU B 227 -10.98 -8.94 2.87
N LYS B 228 -11.62 -10.03 3.30
CA LYS B 228 -13.04 -9.97 3.68
C LYS B 228 -13.25 -9.17 4.97
N MET B 229 -12.33 -9.30 5.94
CA MET B 229 -12.35 -8.53 7.19
C MET B 229 -12.16 -7.02 6.98
N ILE B 230 -11.22 -6.65 6.10
CA ILE B 230 -10.85 -5.23 5.89
C ILE B 230 -11.56 -4.60 4.69
N GLY B 231 -11.64 -5.35 3.60
CA GLY B 231 -12.17 -4.89 2.31
C GLY B 231 -11.34 -5.43 1.15
N PRO B 232 -12.01 -5.98 0.11
CA PRO B 232 -11.33 -6.55 -1.07
C PRO B 232 -10.49 -5.55 -1.89
N THR B 233 -11.01 -4.35 -2.09
CA THR B 233 -10.30 -3.31 -2.84
C THR B 233 -9.28 -2.58 -1.96
N HIS B 234 -8.99 -1.30 -2.25
CA HIS B 234 -8.20 -0.36 -1.40
C HIS B 234 -6.73 -0.26 -1.75
N GLY B 235 -6.29 -1.02 -2.75
CA GLY B 235 -4.93 -0.91 -3.33
C GLY B 235 -3.81 -0.56 -2.37
N GLN B 236 -3.34 0.69 -2.45
CA GLN B 236 -2.28 1.22 -1.57
C GLN B 236 -2.64 1.31 -0.07
N MET B 237 -3.94 1.30 0.25
CA MET B 237 -4.43 1.36 1.65
C MET B 237 -4.64 -0.01 2.30
N THR B 238 -4.46 -1.09 1.53
CA THR B 238 -4.65 -2.48 2.02
C THR B 238 -3.89 -2.77 3.33
N VAL B 239 -2.59 -2.48 3.32
CA VAL B 239 -1.73 -2.74 4.48
C VAL B 239 -2.12 -1.92 5.72
N THR B 240 -2.45 -0.62 5.55
CA THR B 240 -2.83 0.19 6.73
C THR B 240 -4.18 -0.24 7.32
N ARG B 241 -5.10 -0.66 6.45
CA ARG B 241 -6.37 -1.24 6.88
C ARG B 241 -6.19 -2.55 7.63
N LEU B 242 -5.23 -3.35 7.18
CA LEU B 242 -4.88 -4.62 7.87
C LEU B 242 -4.32 -4.34 9.26
N VAL B 243 -3.40 -3.38 9.35
CA VAL B 243 -2.84 -2.96 10.65
C VAL B 243 -3.92 -2.48 11.63
N ASN B 244 -4.86 -1.67 11.14
CA ASN B 244 -5.97 -1.21 11.98
C ASN B 244 -6.88 -2.36 12.45
N THR B 245 -7.14 -3.31 11.55
CA THR B 245 -7.89 -4.53 11.86
C THR B 245 -7.19 -5.35 12.94
N LEU B 246 -5.87 -5.52 12.80
CA LEU B 246 -5.07 -6.22 13.83
C LEU B 246 -5.06 -5.46 15.16
N LYS B 247 -4.92 -4.13 15.10
CA LYS B 247 -5.04 -3.28 16.31
C LYS B 247 -6.36 -3.50 17.07
N GLU B 248 -7.45 -3.60 16.32
CA GLU B 248 -8.79 -3.89 16.87
C GLU B 248 -8.93 -5.29 17.51
N GLY B 249 -7.93 -6.14 17.31
CA GLY B 249 -7.89 -7.47 17.91
C GLY B 249 -8.49 -8.57 17.05
N LYS B 250 -8.81 -8.25 15.79
CA LYS B 250 -9.38 -9.24 14.88
C LYS B 250 -8.29 -10.16 14.36
N ARG B 251 -8.60 -11.46 14.37
CA ARG B 251 -7.66 -12.50 14.00
C ARG B 251 -8.39 -13.51 13.12
N LEU B 252 -7.61 -14.32 12.39
CA LEU B 252 -8.13 -15.39 11.55
C LEU B 252 -8.98 -16.32 12.41
N PRO B 253 -10.15 -16.74 11.88
CA PRO B 253 -11.03 -17.59 12.68
C PRO B 253 -10.48 -19.01 12.80
N CYS B 254 -10.98 -19.76 13.77
CA CYS B 254 -10.66 -21.19 13.92
C CYS B 254 -11.01 -21.95 12.63
N PRO B 255 -10.05 -22.71 12.07
CA PRO B 255 -10.35 -23.52 10.88
C PRO B 255 -11.45 -24.57 11.14
N PRO B 256 -12.22 -24.94 10.10
CA PRO B 256 -13.18 -26.04 10.25
C PRO B 256 -12.51 -27.34 10.70
N ASN B 257 -13.14 -28.00 11.66
CA ASN B 257 -12.68 -29.26 12.25
C ASN B 257 -11.39 -29.16 13.06
N CYS B 258 -10.91 -27.95 13.31
CA CYS B 258 -9.74 -27.73 14.15
C CYS B 258 -10.18 -27.66 15.61
N PRO B 259 -9.62 -28.52 16.47
CA PRO B 259 -9.93 -28.44 17.90
C PRO B 259 -9.54 -27.09 18.52
N ASP B 260 -10.33 -26.64 19.48
CA ASP B 260 -10.06 -25.35 20.13
C ASP B 260 -8.65 -25.30 20.76
N GLU B 261 -8.23 -26.39 21.39
CA GLU B 261 -6.87 -26.52 21.96
C GLU B 261 -5.72 -26.21 20.97
N VAL B 262 -5.85 -26.65 19.72
CA VAL B 262 -4.87 -26.33 18.67
C VAL B 262 -5.02 -24.85 18.28
N TYR B 263 -6.26 -24.41 18.12
CA TYR B 263 -6.57 -22.99 17.90
C TYR B 263 -5.97 -22.07 18.98
N GLN B 264 -6.01 -22.48 20.26
CA GLN B 264 -5.40 -21.67 21.33
C GLN B 264 -3.87 -21.55 21.20
N LEU B 265 -3.20 -22.63 20.78
CA LEU B 265 -1.76 -22.58 20.45
C LEU B 265 -1.50 -21.58 19.31
N MET B 266 -2.38 -21.59 18.32
CA MET B 266 -2.38 -20.64 17.19
C MET B 266 -2.56 -19.20 17.68
N ARG B 267 -3.50 -18.97 18.59
CA ARG B 267 -3.74 -17.62 19.12
C ARG B 267 -2.53 -17.06 19.91
N LYS B 268 -1.76 -17.94 20.54
CA LYS B 268 -0.53 -17.55 21.27
C LYS B 268 0.61 -17.05 20.36
N CYS B 269 0.53 -17.41 19.08
CA CYS B 269 1.40 -16.85 18.05
C CYS B 269 1.04 -15.41 17.67
N TRP B 270 -0.18 -15.00 18.01
CA TRP B 270 -0.78 -13.78 17.47
C TRP B 270 -1.04 -12.68 18.45
N GLU B 271 -0.42 -12.76 19.63
CA GLU B 271 -0.43 -11.65 20.58
C GLU B 271 0.15 -10.41 19.89
N PHE B 272 -0.52 -9.26 20.05
CA PHE B 272 -0.07 -8.03 19.39
C PHE B 272 1.40 -7.72 19.67
N GLN B 273 1.79 -7.81 20.94
CA GLN B 273 3.17 -7.54 21.35
C GLN B 273 4.03 -8.78 21.13
N PRO B 274 5.20 -8.62 20.44
CA PRO B 274 6.13 -9.73 20.22
C PRO B 274 6.58 -10.46 21.50
N SER B 275 6.90 -9.72 22.56
CA SER B 275 7.32 -10.32 23.84
C SER B 275 6.26 -11.19 24.54
N ASN B 276 4.99 -10.93 24.25
CA ASN B 276 3.85 -11.73 24.76
C ASN B 276 3.61 -13.04 23.99
N ARG B 277 4.24 -13.23 22.84
CA ARG B 277 4.02 -14.45 22.03
C ARG B 277 4.75 -15.65 22.59
N THR B 278 4.20 -16.82 22.30
CA THR B 278 4.84 -18.10 22.58
C THR B 278 6.15 -18.24 21.77
N SER B 279 6.96 -19.22 22.14
CA SER B 279 8.19 -19.55 21.44
C SER B 279 8.01 -20.82 20.62
N PHE B 280 8.93 -21.06 19.70
CA PHE B 280 8.88 -22.29 18.91
C PHE B 280 9.04 -23.53 19.80
N GLN B 281 9.92 -23.43 20.81
CA GLN B 281 10.07 -24.51 21.79
C GLN B 281 8.78 -24.83 22.57
N ASN B 282 8.07 -23.80 23.03
CA ASN B 282 6.78 -23.98 23.71
C ASN B 282 5.69 -24.55 22.78
N LEU B 283 5.69 -24.09 21.51
CA LEU B 283 4.78 -24.67 20.52
C LEU B 283 5.05 -26.17 20.34
N ILE B 284 6.32 -26.53 20.17
CA ILE B 284 6.73 -27.95 20.06
C ILE B 284 6.20 -28.76 21.24
N GLU B 285 6.41 -28.27 22.46
CA GLU B 285 5.91 -28.94 23.66
C GLU B 285 4.39 -29.07 23.64
N GLY B 286 3.71 -27.99 23.23
CA GLY B 286 2.25 -27.98 23.10
C GLY B 286 1.69 -29.02 22.13
N PHE B 287 2.31 -29.13 20.95
CA PHE B 287 1.86 -30.09 19.93
C PHE B 287 2.11 -31.52 20.38
N GLU B 288 3.31 -31.77 20.91
CA GLU B 288 3.68 -33.11 21.39
C GLU B 288 2.72 -33.60 22.49
N ALA B 289 2.29 -32.71 23.38
CA ALA B 289 1.25 -33.04 24.38
C ALA B 289 -0.09 -33.44 23.73
N LEU B 290 -0.46 -32.73 22.66
CA LEU B 290 -1.68 -33.05 21.89
C LEU B 290 -1.56 -34.34 21.07
N LEU B 291 -0.35 -34.72 20.69
CA LEU B 291 -0.07 -35.97 19.97
C LEU B 291 -0.14 -37.23 20.84
N LYS B 292 -0.08 -37.05 22.17
CA LYS B 292 -0.21 -38.16 23.12
C LYS B 292 -1.66 -38.62 23.26
C1 EYQ C . -14.03 22.48 -13.85
C2 EYQ C . -12.72 22.79 -14.57
C3 EYQ C . -12.67 24.00 -15.26
C5 EYQ C . -10.51 23.56 -16.00
C7 EYQ C . -11.59 21.96 -14.67
C8 EYQ C . -11.47 20.66 -13.98
N10 EYQ C . -11.78 19.02 -12.50
C12 EYQ C . -10.81 18.53 -13.34
C15 EYQ C . -8.90 18.10 -15.28
C16 EYQ C . -9.16 17.12 -14.32
C17 EYQ C . -10.12 17.30 -13.33
C19 EYQ C . -10.02 15.11 -12.06
O20 EYQ C . -9.18 14.56 -12.74
C21 EYQ C . -10.64 14.36 -10.89
C23 EYQ C . -11.58 13.31 -11.50
C30 EYQ C . -7.26 12.60 -6.65
C32 EYQ C . -8.45 23.32 -17.35
C34 EYQ C . -7.40 24.09 -18.12
C35 EYQ C . -5.99 23.53 -18.27
C36 EYQ C . -6.94 23.56 -19.47
N4 EYQ C . -11.57 24.36 -15.92
N6 EYQ C . -10.51 22.39 -15.35
C9 EYQ C . -12.16 20.26 -12.87
C13 EYQ C . -10.56 19.53 -14.31
C14 EYQ C . -9.58 19.31 -15.28
N18 EYQ C . -10.47 16.38 -12.29
N24 EYQ C . -9.66 13.74 -9.96
C25 EYQ C . -8.67 14.71 -9.43
C26 EYQ C . -7.62 14.01 -8.57
N27 EYQ C . -8.26 13.31 -7.45
C28 EYQ C . -9.34 12.41 -7.89
C29 EYQ C . -10.34 13.12 -8.80
N31 EYQ C . -9.42 24.04 -16.74
O33 EYQ C . -8.37 22.09 -17.30
C1 EYQ D . 14.03 -26.00 -3.58
C2 EYQ D . 12.76 -26.58 -4.16
C3 EYQ D . 12.72 -27.96 -4.29
C5 EYQ D . 10.59 -27.84 -5.20
C7 EYQ D . 11.63 -25.84 -4.60
C8 EYQ D . 11.52 -24.36 -4.51
N10 EYQ D . 11.85 -22.28 -3.77
C12 EYQ D . 10.92 -22.14 -4.77
C15 EYQ D . 9.08 -22.47 -6.84
C16 EYQ D . 9.35 -21.20 -6.33
C17 EYQ D . 10.27 -21.01 -5.29
C19 EYQ D . 10.12 -18.55 -4.87
O20 EYQ D . 9.19 -18.30 -5.61
C21 EYQ D . 10.76 -17.42 -4.09
C23 EYQ D . 11.74 -16.75 -5.05
C30 EYQ D . 7.16 -14.06 -1.24
C32 EYQ D . 8.61 -28.20 -6.62
C34 EYQ D . 7.54 -29.21 -7.00
C35 EYQ D . 6.23 -28.73 -7.64
C36 EYQ D . 7.29 -29.46 -8.48
N4 EYQ D . 11.64 -28.54 -4.78
N6 EYQ D . 10.58 -26.51 -5.09
C9 EYQ D . 12.16 -23.58 -3.61
C13 EYQ D . 10.65 -23.43 -5.28
C14 EYQ D . 9.74 -23.58 -6.33
N18 EYQ D . 10.64 -19.79 -4.68
N24 EYQ D . 9.76 -16.49 -3.54
C25 EYQ D . 8.84 -17.15 -2.58
C26 EYQ D . 7.69 -16.19 -2.27
N27 EYQ D . 8.23 -15.01 -1.59
C28 EYQ D . 9.31 -14.35 -2.36
C29 EYQ D . 10.39 -15.33 -2.84
N31 EYQ D . 9.53 -28.60 -5.70
O33 EYQ D . 8.59 -27.10 -7.11
#